data_5IJ2
#
_entry.id   5IJ2
#
_cell.length_a   174.522
_cell.length_b   46.769
_cell.length_c   64.761
_cell.angle_alpha   90.000
_cell.angle_beta   102.720
_cell.angle_gamma   90.000
#
_symmetry.space_group_name_H-M   'C 1 2 1'
#
loop_
_entity.id
_entity.type
_entity.pdbx_description
1 polymer 'Platelet-binding glycoprotein'
2 branched 'N-acetyl-alpha-neuraminic acid-(2-3)-beta-D-galactopyranose-(1-4)-2-acetamido-2-deoxy-beta-D-glucopyranose'
3 non-polymer 'CALCIUM ION'
4 non-polymer 'ACETATE ION'
5 water water
#
_entity_poly.entity_id   1
_entity_poly.type   'polypeptide(L)'
_entity_poly.pdbx_seq_one_letter_code
;RRATDTTPPTITVPSDIIAYRGEEFEFYFEITDDSGQVKNIELSTFGKPLGLNWLEYSEDNFNVPGNATSDNPLRVRVHG
TVPLNEPIPADKNRAQFTRTIRAWDAAGNVSSNITFVIKYRAQTDKYNPADPTITYVDRLSSLSPSEKNAVEAAVRAANP
QIPAAARITVSANGTVTITYPDSSTDTITANRVVKDLASSR
;
_entity_poly.pdbx_strand_id   A,B
#
# COMPACT_ATOMS: atom_id res chain seq x y z
N ARG A 1 -11.02 42.14 -57.70
CA ARG A 1 -11.30 41.13 -56.68
C ARG A 1 -11.91 39.89 -57.30
N ARG A 2 -11.28 38.74 -57.07
CA ARG A 2 -11.75 37.50 -57.68
C ARG A 2 -13.16 37.19 -57.18
N ALA A 3 -14.00 36.70 -58.10
CA ALA A 3 -15.43 36.63 -57.84
C ALA A 3 -15.80 35.51 -56.88
N THR A 4 -14.90 34.56 -56.66
CA THR A 4 -15.23 33.38 -55.86
C THR A 4 -13.99 32.90 -55.13
N ASP A 5 -14.24 32.18 -54.05
CA ASP A 5 -13.23 31.49 -53.26
C ASP A 5 -12.99 30.11 -53.87
N THR A 6 -11.78 29.88 -54.35
CA THR A 6 -11.44 28.61 -54.98
C THR A 6 -10.27 27.97 -54.27
N THR A 7 -9.92 28.46 -53.09
CA THR A 7 -8.70 28.07 -52.40
C THR A 7 -9.06 27.38 -51.11
N PRO A 8 -8.62 26.15 -50.86
CA PRO A 8 -9.01 25.47 -49.63
C PRO A 8 -8.23 26.01 -48.45
N PRO A 9 -8.66 25.64 -47.25
CA PRO A 9 -7.95 26.03 -46.04
C PRO A 9 -6.55 25.44 -46.02
N THR A 10 -5.73 26.02 -45.15
CA THR A 10 -4.36 25.59 -44.93
C THR A 10 -4.23 25.12 -43.49
N ILE A 11 -3.73 23.89 -43.30
CA ILE A 11 -3.63 23.31 -41.96
C ILE A 11 -2.18 23.20 -41.56
N THR A 12 -1.86 23.65 -40.34
CA THR A 12 -0.57 23.40 -39.74
C THR A 12 -0.74 22.27 -38.71
N VAL A 13 0.10 21.23 -38.81
CA VAL A 13 0.00 20.10 -37.89
C VAL A 13 1.12 20.19 -36.85
N PRO A 14 0.94 19.60 -35.68
CA PRO A 14 2.04 19.52 -34.71
C PRO A 14 3.08 18.51 -35.15
N SER A 15 4.33 18.78 -34.82
CA SER A 15 5.40 17.99 -35.41
C SER A 15 5.81 16.80 -34.56
N ASP A 16 5.50 16.80 -33.26
CA ASP A 16 6.09 15.80 -32.37
C ASP A 16 5.03 15.44 -31.33
N ILE A 17 4.03 14.68 -31.76
CA ILE A 17 2.94 14.26 -30.87
C ILE A 17 3.40 12.99 -30.17
N ILE A 18 3.48 13.03 -28.84
CA ILE A 18 3.96 11.88 -28.08
C ILE A 18 2.96 11.59 -26.96
N ALA A 19 2.44 10.36 -26.92
CA ALA A 19 1.44 10.02 -25.92
C ALA A 19 1.91 8.83 -25.11
N TYR A 20 1.56 8.81 -23.83
CA TYR A 20 1.87 7.68 -22.97
C TYR A 20 0.60 6.92 -22.66
N ARG A 21 0.66 5.59 -22.74
CA ARG A 21 -0.51 4.77 -22.49
C ARG A 21 -1.14 5.14 -21.16
N GLY A 22 -2.45 5.32 -21.19
CA GLY A 22 -3.18 5.61 -19.96
C GLY A 22 -3.12 7.03 -19.48
N GLU A 23 -2.51 7.95 -20.22
CA GLU A 23 -2.40 9.34 -19.78
C GLU A 23 -2.98 10.26 -20.84
N GLU A 24 -3.95 11.07 -20.44
CA GLU A 24 -4.57 12.02 -21.37
C GLU A 24 -3.51 12.90 -22.01
N PHE A 25 -3.65 13.12 -23.31
CA PHE A 25 -2.76 14.03 -24.01
C PHE A 25 -3.61 14.89 -24.92
N GLU A 26 -2.99 15.93 -25.47
CA GLU A 26 -3.68 16.86 -26.34
C GLU A 26 -2.67 17.44 -27.31
N PHE A 27 -3.17 17.86 -28.48
CA PHE A 27 -2.36 18.59 -29.43
C PHE A 27 -3.34 19.45 -30.24
N TYR A 28 -2.80 20.43 -30.96
CA TYR A 28 -3.62 21.40 -31.67
C TYR A 28 -3.28 21.36 -33.15
N PHE A 29 -4.31 21.39 -33.99
CA PHE A 29 -4.17 21.84 -35.37
C PHE A 29 -4.48 23.34 -35.45
N GLU A 30 -3.78 24.04 -36.33
CA GLU A 30 -4.05 25.44 -36.58
C GLU A 30 -4.46 25.57 -38.04
N ILE A 31 -5.62 26.17 -38.28
CA ILE A 31 -6.18 26.22 -39.63
C ILE A 31 -6.55 27.66 -39.99
N THR A 32 -6.18 28.07 -41.21
CA THR A 32 -6.56 29.37 -41.74
C THR A 32 -7.22 29.16 -43.10
N ASP A 33 -8.01 30.13 -43.52
CA ASP A 33 -8.54 30.11 -44.88
C ASP A 33 -8.53 31.54 -45.40
N ASP A 34 -8.34 31.68 -46.72
CA ASP A 34 -8.31 33.03 -47.29
C ASP A 34 -9.61 33.80 -47.04
N SER A 35 -10.73 33.10 -46.88
CA SER A 35 -12.02 33.72 -46.56
C SER A 35 -12.13 34.11 -45.11
N GLY A 36 -11.26 33.59 -44.25
CA GLY A 36 -11.42 33.76 -42.83
C GLY A 36 -12.35 32.77 -42.14
N GLN A 37 -12.94 31.81 -42.85
CA GLN A 37 -13.90 30.90 -42.25
C GLN A 37 -13.61 29.45 -42.63
N VAL A 38 -13.49 28.59 -41.62
CA VAL A 38 -13.34 27.16 -41.81
C VAL A 38 -14.61 26.50 -41.30
N LYS A 39 -15.20 25.65 -42.14
CA LYS A 39 -16.47 25.00 -41.81
C LYS A 39 -16.30 23.76 -40.92
N ASN A 40 -15.36 22.87 -41.24
CA ASN A 40 -15.22 21.64 -40.45
C ASN A 40 -13.94 20.92 -40.89
N ILE A 41 -13.61 19.83 -40.17
CA ILE A 41 -12.42 19.04 -40.49
C ILE A 41 -12.81 17.58 -40.64
N GLU A 42 -11.87 16.78 -41.12
CA GLU A 42 -11.99 15.33 -41.11
C GLU A 42 -10.67 14.73 -40.70
N LEU A 43 -10.67 13.90 -39.65
CA LEU A 43 -9.52 13.07 -39.30
C LEU A 43 -9.78 11.69 -39.89
N SER A 44 -8.84 11.16 -40.68
CA SER A 44 -9.09 9.92 -41.40
C SER A 44 -7.81 9.10 -41.43
N THR A 45 -7.89 7.90 -42.01
CA THR A 45 -6.70 7.13 -42.35
C THR A 45 -6.58 7.16 -43.87
N PHE A 46 -6.02 8.25 -44.39
CA PHE A 46 -5.89 8.46 -45.84
C PHE A 46 -7.23 8.25 -46.54
N GLY A 47 -8.26 8.87 -45.97
CA GLY A 47 -9.58 8.81 -46.54
C GLY A 47 -10.42 7.66 -46.07
N LYS A 48 -9.85 6.71 -45.33
CA LYS A 48 -10.58 5.62 -44.74
C LYS A 48 -10.94 5.97 -43.29
N PRO A 49 -11.70 5.11 -42.60
CA PRO A 49 -12.02 5.41 -41.21
C PRO A 49 -10.78 5.67 -40.37
N LEU A 50 -10.92 6.59 -39.41
CA LEU A 50 -9.84 6.92 -38.49
C LEU A 50 -9.42 5.68 -37.70
N GLY A 51 -10.40 4.96 -37.16
CA GLY A 51 -10.10 3.73 -36.46
C GLY A 51 -9.38 3.90 -35.14
N LEU A 52 -9.60 5.04 -34.46
CA LEU A 52 -8.99 5.40 -33.17
C LEU A 52 -10.10 6.01 -32.33
N ASN A 53 -10.92 5.16 -31.72
CA ASN A 53 -12.10 5.70 -31.04
C ASN A 53 -11.76 6.50 -29.80
N TRP A 54 -10.52 6.47 -29.32
CA TRP A 54 -10.14 7.25 -28.16
C TRP A 54 -9.66 8.65 -28.50
N LEU A 55 -9.63 9.03 -29.77
CA LEU A 55 -9.22 10.36 -30.20
C LEU A 55 -10.47 11.22 -30.37
N GLU A 56 -10.45 12.41 -29.75
CA GLU A 56 -11.60 13.29 -29.71
C GLU A 56 -11.16 14.72 -30.02
N TYR A 57 -12.10 15.54 -30.51
CA TYR A 57 -11.84 16.97 -30.64
C TYR A 57 -13.14 17.74 -30.57
N SER A 58 -13.04 19.00 -30.15
CA SER A 58 -14.18 19.90 -30.06
C SER A 58 -14.43 20.55 -31.41
N GLU A 59 -15.71 20.66 -31.75
CA GLU A 59 -16.16 21.44 -32.89
C GLU A 59 -16.56 22.84 -32.50
N ASP A 60 -16.12 23.27 -31.32
CA ASP A 60 -16.38 24.63 -30.89
C ASP A 60 -15.83 25.61 -31.91
N ASN A 61 -16.65 26.59 -32.24
CA ASN A 61 -16.30 27.69 -33.14
C ASN A 61 -16.17 27.23 -34.59
N PHE A 62 -16.56 26.00 -34.94
CA PHE A 62 -16.54 25.59 -36.35
C PHE A 62 -17.60 26.37 -37.13
N ASN A 63 -17.26 26.70 -38.39
CA ASN A 63 -18.20 27.29 -39.34
C ASN A 63 -18.79 28.60 -38.83
N VAL A 64 -17.92 29.44 -38.25
CA VAL A 64 -18.29 30.77 -37.81
C VAL A 64 -17.48 31.76 -38.62
N PRO A 65 -18.07 32.83 -39.15
CA PRO A 65 -17.28 33.83 -39.88
C PRO A 65 -16.12 34.32 -39.02
N GLY A 66 -14.98 34.53 -39.66
CA GLY A 66 -13.82 35.05 -38.99
C GLY A 66 -13.14 34.11 -38.03
N ASN A 67 -13.51 32.82 -38.02
CA ASN A 67 -12.93 31.89 -37.07
C ASN A 67 -11.56 31.35 -37.51
N ALA A 68 -11.01 31.79 -38.65
CA ALA A 68 -9.86 31.10 -39.23
C ALA A 68 -9.06 32.08 -40.09
N THR A 69 -8.54 33.13 -39.47
CA THR A 69 -7.69 34.08 -40.17
C THR A 69 -6.24 33.84 -39.82
N SER A 70 -5.37 34.48 -40.61
CA SER A 70 -3.94 34.42 -40.33
C SER A 70 -3.64 34.99 -38.94
N ASP A 71 -4.27 36.10 -38.59
CA ASP A 71 -4.05 36.70 -37.28
C ASP A 71 -4.68 35.88 -36.18
N ASN A 72 -5.80 35.24 -36.47
CA ASN A 72 -6.53 34.47 -35.47
C ASN A 72 -6.96 33.14 -36.06
N PRO A 73 -6.05 32.15 -36.09
CA PRO A 73 -6.38 30.88 -36.73
C PRO A 73 -7.37 30.08 -35.90
N LEU A 74 -8.05 29.16 -36.58
CA LEU A 74 -8.86 28.17 -35.88
C LEU A 74 -7.94 27.20 -35.18
N ARG A 75 -8.05 27.10 -33.86
CA ARG A 75 -7.20 26.21 -33.09
C ARG A 75 -8.06 25.02 -32.66
N VAL A 76 -7.76 23.85 -33.21
CA VAL A 76 -8.56 22.65 -32.99
C VAL A 76 -7.84 21.79 -31.97
N ARG A 77 -8.42 21.65 -30.78
CA ARG A 77 -7.83 20.87 -29.70
C ARG A 77 -8.24 19.40 -29.83
N VAL A 78 -7.27 18.53 -30.10
CA VAL A 78 -7.47 17.09 -30.21
C VAL A 78 -6.89 16.46 -28.96
N HIS A 79 -7.59 15.49 -28.40
CA HIS A 79 -7.18 14.97 -27.11
C HIS A 79 -7.67 13.54 -26.98
N GLY A 80 -7.08 12.81 -26.06
CA GLY A 80 -7.57 11.49 -25.74
C GLY A 80 -6.58 10.76 -24.85
N THR A 81 -6.82 9.46 -24.69
CA THR A 81 -5.95 8.60 -23.90
C THR A 81 -5.69 7.34 -24.71
N VAL A 82 -4.43 7.07 -25.02
CA VAL A 82 -4.11 5.81 -25.67
C VAL A 82 -4.41 4.68 -24.69
N PRO A 83 -5.12 3.64 -25.10
CA PRO A 83 -5.51 2.58 -24.14
C PRO A 83 -4.33 2.05 -23.35
N LEU A 84 -4.58 1.76 -22.06
CA LEU A 84 -3.56 1.20 -21.19
C LEU A 84 -2.86 0.02 -21.82
N ASN A 85 -3.59 -0.83 -22.55
CA ASN A 85 -3.09 -2.08 -23.08
C ASN A 85 -2.75 -2.01 -24.55
N GLU A 86 -2.66 -0.81 -25.12
CA GLU A 86 -2.36 -0.72 -26.54
C GLU A 86 -1.02 -1.42 -26.81
N PRO A 87 -0.98 -2.36 -27.75
CA PRO A 87 0.23 -3.16 -27.98
C PRO A 87 1.40 -2.33 -28.46
N ILE A 88 2.55 -2.54 -27.85
CA ILE A 88 3.79 -1.94 -28.32
C ILE A 88 4.66 -3.07 -28.86
N PRO A 89 4.96 -3.10 -30.17
CA PRO A 89 5.74 -4.21 -30.71
C PRO A 89 7.19 -4.18 -30.27
N ALA A 90 7.95 -5.20 -30.66
CA ALA A 90 9.34 -5.30 -30.24
C ALA A 90 10.13 -4.06 -30.67
N ASP A 91 9.82 -3.52 -31.84
CA ASP A 91 10.42 -2.28 -32.31
C ASP A 91 9.52 -1.14 -31.83
N LYS A 92 9.93 -0.48 -30.74
CA LYS A 92 9.10 0.54 -30.11
C LYS A 92 8.68 1.62 -31.09
N ASN A 93 9.49 1.85 -32.12
CA ASN A 93 9.17 2.90 -33.08
C ASN A 93 7.96 2.55 -33.90
N ARG A 94 7.59 1.27 -33.98
CA ARG A 94 6.39 0.94 -34.71
C ARG A 94 5.14 1.33 -33.95
N ALA A 95 5.28 1.82 -32.71
CA ALA A 95 4.15 2.22 -31.87
C ALA A 95 3.74 3.63 -32.24
N GLN A 96 3.06 3.73 -33.37
CA GLN A 96 2.59 5.03 -33.79
C GLN A 96 1.46 4.84 -34.77
N PHE A 97 0.63 5.87 -34.89
CA PHE A 97 -0.46 5.91 -35.84
C PHE A 97 -0.25 7.11 -36.76
N THR A 98 -0.11 6.86 -38.07
CA THR A 98 -0.09 7.93 -39.06
C THR A 98 -1.50 8.11 -39.57
N ARG A 99 -2.01 9.33 -39.46
CA ARG A 99 -3.37 9.64 -39.87
C ARG A 99 -3.36 10.91 -40.71
N THR A 100 -4.51 11.26 -41.27
CA THR A 100 -4.57 12.42 -42.15
C THR A 100 -5.66 13.38 -41.69
N ILE A 101 -5.45 14.67 -41.98
CA ILE A 101 -6.45 15.69 -41.71
C ILE A 101 -6.67 16.55 -42.94
N ARG A 102 -7.90 17.00 -43.13
CA ARG A 102 -8.23 17.98 -44.14
C ARG A 102 -9.36 18.84 -43.57
N ALA A 103 -9.59 19.98 -44.21
CA ALA A 103 -10.60 20.94 -43.75
C ALA A 103 -11.29 21.55 -44.94
N TRP A 104 -12.56 21.86 -44.73
CA TRP A 104 -13.39 22.59 -45.69
C TRP A 104 -13.50 24.06 -45.29
N ASP A 105 -13.54 24.95 -46.27
CA ASP A 105 -14.00 26.31 -46.00
C ASP A 105 -15.52 26.36 -46.23
N ALA A 106 -16.11 27.57 -46.18
CA ALA A 106 -17.55 27.70 -46.36
C ALA A 106 -17.97 27.80 -47.83
N ALA A 107 -17.05 27.61 -48.76
CA ALA A 107 -17.35 27.72 -50.17
C ALA A 107 -17.18 26.39 -50.86
N GLY A 108 -17.03 25.31 -50.09
CA GLY A 108 -16.90 23.99 -50.65
C GLY A 108 -15.49 23.52 -50.99
N ASN A 109 -14.49 24.35 -50.78
CA ASN A 109 -13.11 23.92 -51.03
C ASN A 109 -12.61 23.09 -49.87
N VAL A 110 -12.13 21.89 -50.14
CA VAL A 110 -11.57 21.02 -49.11
C VAL A 110 -10.08 20.85 -49.39
N SER A 111 -9.27 20.97 -48.34
CA SER A 111 -7.84 20.81 -48.52
C SER A 111 -7.54 19.34 -48.82
N SER A 112 -6.39 19.12 -49.45
CA SER A 112 -5.92 17.76 -49.65
C SER A 112 -5.35 17.22 -48.35
N ASN A 113 -5.63 15.94 -48.07
CA ASN A 113 -5.18 15.35 -46.82
C ASN A 113 -3.69 15.53 -46.60
N ILE A 114 -3.33 15.94 -45.39
CA ILE A 114 -1.94 15.94 -44.93
C ILE A 114 -1.81 15.07 -43.69
N THR A 115 -0.59 14.60 -43.46
CA THR A 115 -0.40 13.64 -42.40
C THR A 115 -0.04 14.26 -41.06
N PHE A 116 -0.33 13.50 -40.02
CA PHE A 116 0.21 13.75 -38.69
C PHE A 116 0.43 12.39 -38.07
N VAL A 117 1.28 12.33 -37.05
CA VAL A 117 1.67 11.05 -36.49
C VAL A 117 1.51 11.10 -34.99
N ILE A 118 0.74 10.16 -34.44
CA ILE A 118 0.63 10.01 -32.99
C ILE A 118 1.55 8.88 -32.56
N LYS A 119 2.63 9.23 -31.87
CA LYS A 119 3.51 8.21 -31.32
C LYS A 119 3.04 7.89 -29.90
N TYR A 120 3.02 6.60 -29.55
CA TYR A 120 2.61 6.25 -28.19
C TYR A 120 3.66 5.36 -27.55
N ARG A 121 3.82 5.49 -26.24
CA ARG A 121 4.91 4.78 -25.55
C ARG A 121 4.41 4.25 -24.21
N ALA A 122 5.16 3.29 -23.68
CA ALA A 122 4.90 2.77 -22.33
C ALA A 122 5.18 3.85 -21.29
N GLN A 123 4.52 3.75 -20.13
CA GLN A 123 4.67 4.82 -19.14
C GLN A 123 6.08 4.90 -18.52
N THR A 124 6.89 3.83 -18.58
CA THR A 124 8.18 3.75 -17.85
C THR A 124 9.31 4.56 -18.53
N ASP A 125 9.06 4.70 -19.86
CA ASP A 125 9.65 5.71 -20.75
C ASP A 125 9.44 7.14 -20.26
N LYS A 126 8.27 7.44 -19.71
CA LYS A 126 8.05 8.79 -19.19
C LYS A 126 8.66 8.97 -17.81
N TYR A 127 8.60 7.93 -16.99
CA TYR A 127 8.93 8.04 -15.58
C TYR A 127 10.29 7.44 -15.31
N ASN A 128 11.08 8.17 -14.53
CA ASN A 128 12.44 7.74 -14.17
C ASN A 128 12.53 7.88 -12.67
N PRO A 129 12.40 6.79 -11.93
CA PRO A 129 12.33 6.91 -10.46
C PRO A 129 13.67 7.31 -9.86
N ALA A 130 13.61 8.28 -8.96
CA ALA A 130 14.71 8.60 -8.07
C ALA A 130 14.88 7.49 -7.03
N ASP A 131 16.12 7.28 -6.59
CA ASP A 131 16.38 6.29 -5.56
C ASP A 131 15.74 6.73 -4.24
N PRO A 132 15.26 5.79 -3.44
CA PRO A 132 14.73 6.16 -2.12
C PRO A 132 15.85 6.47 -1.15
N THR A 133 15.52 7.23 -0.12
CA THR A 133 16.35 7.21 1.07
C THR A 133 16.53 5.75 1.51
N ILE A 134 17.74 5.40 1.93
CA ILE A 134 18.04 4.02 2.30
C ILE A 134 17.17 3.59 3.47
N THR A 135 16.62 2.39 3.38
CA THR A 135 15.99 1.75 4.53
C THR A 135 16.97 0.77 5.16
N TYR A 136 17.17 0.90 6.49
CA TYR A 136 18.07 0.02 7.22
C TYR A 136 17.32 -1.17 7.77
N VAL A 137 17.82 -2.38 7.49
CA VAL A 137 17.12 -3.63 7.73
C VAL A 137 18.01 -4.57 8.52
N ASP A 138 17.37 -5.53 9.20
CA ASP A 138 18.10 -6.49 10.03
C ASP A 138 18.74 -7.60 9.20
N ARG A 139 18.06 -8.07 8.15
CA ARG A 139 18.55 -9.15 7.30
C ARG A 139 18.39 -8.77 5.84
N LEU A 140 19.50 -8.57 5.14
CA LEU A 140 19.44 -8.12 3.75
C LEU A 140 18.72 -9.13 2.85
N SER A 141 18.74 -10.42 3.19
CA SER A 141 18.11 -11.43 2.37
C SER A 141 16.66 -11.70 2.74
N SER A 142 16.16 -11.12 3.83
CA SER A 142 14.80 -11.42 4.29
C SER A 142 14.25 -10.18 5.02
N LEU A 143 13.66 -9.25 4.26
CA LEU A 143 13.06 -8.07 4.88
C LEU A 143 11.82 -8.46 5.69
N SER A 144 11.61 -7.75 6.79
CA SER A 144 10.41 -7.91 7.59
C SER A 144 9.27 -7.16 6.92
N PRO A 145 8.03 -7.42 7.34
CA PRO A 145 6.91 -6.66 6.74
C PRO A 145 7.03 -5.16 6.96
N SER A 146 7.47 -4.72 8.14
CA SER A 146 7.61 -3.29 8.36
C SER A 146 8.73 -2.71 7.53
N GLU A 147 9.78 -3.49 7.26
CA GLU A 147 10.84 -2.99 6.39
C GLU A 147 10.36 -2.87 4.95
N LYS A 148 9.54 -3.81 4.48
CA LYS A 148 9.01 -3.67 3.13
C LYS A 148 8.07 -2.48 3.04
N ASN A 149 7.21 -2.27 4.04
CA ASN A 149 6.38 -1.06 4.09
C ASN A 149 7.24 0.19 4.01
N ALA A 150 8.32 0.21 4.82
CA ALA A 150 9.20 1.37 4.87
C ALA A 150 9.84 1.63 3.52
N VAL A 151 10.37 0.58 2.88
CA VAL A 151 10.96 0.73 1.54
C VAL A 151 9.93 1.34 0.59
N GLU A 152 8.77 0.70 0.50
CA GLU A 152 7.72 1.23 -0.36
C GLU A 152 7.45 2.71 -0.10
N ALA A 153 7.29 3.08 1.18
CA ALA A 153 7.01 4.49 1.51
C ALA A 153 8.16 5.39 1.07
N ALA A 154 9.40 4.92 1.21
CA ALA A 154 10.55 5.72 0.80
C ALA A 154 10.59 5.90 -0.72
N VAL A 155 10.38 4.81 -1.46
CA VAL A 155 10.30 4.92 -2.91
C VAL A 155 9.19 5.88 -3.30
N ARG A 156 8.03 5.77 -2.65
CA ARG A 156 6.91 6.67 -2.95
C ARG A 156 7.26 8.11 -2.62
N ALA A 157 7.93 8.34 -1.49
CA ALA A 157 8.28 9.70 -1.09
C ALA A 157 9.33 10.31 -2.02
N ALA A 158 10.28 9.50 -2.47
CA ALA A 158 11.31 10.03 -3.37
C ALA A 158 10.79 10.28 -4.78
N ASN A 159 9.52 9.94 -5.08
CA ASN A 159 9.00 10.01 -6.45
C ASN A 159 7.56 10.50 -6.48
N PRO A 160 7.33 11.76 -6.06
CA PRO A 160 5.97 12.32 -6.18
C PRO A 160 5.50 12.45 -7.61
N GLN A 161 6.41 12.51 -8.58
CA GLN A 161 6.01 12.69 -9.97
C GLN A 161 5.43 11.41 -10.56
N ILE A 162 5.67 10.27 -9.94
CA ILE A 162 5.22 8.99 -10.46
C ILE A 162 3.72 8.89 -10.15
N PRO A 163 2.92 8.22 -10.97
CA PRO A 163 1.47 8.22 -10.74
C PRO A 163 1.09 7.48 -9.48
N ALA A 164 0.05 7.97 -8.82
CA ALA A 164 -0.41 7.30 -7.60
C ALA A 164 -0.90 5.89 -7.91
N ALA A 165 -1.41 5.66 -9.12
CA ALA A 165 -1.93 4.37 -9.53
C ALA A 165 -0.84 3.38 -9.88
N ALA A 166 0.42 3.80 -9.93
CA ALA A 166 1.51 2.85 -10.04
C ALA A 166 1.61 2.07 -8.73
N ARG A 167 1.91 0.79 -8.84
CA ARG A 167 2.03 -0.06 -7.66
C ARG A 167 3.51 -0.37 -7.40
N ILE A 168 3.94 -0.15 -6.18
CA ILE A 168 5.33 -0.39 -5.77
C ILE A 168 5.36 -1.66 -4.94
N THR A 169 6.13 -2.65 -5.39
CA THR A 169 6.28 -3.90 -4.64
C THR A 169 7.73 -4.04 -4.25
N VAL A 170 7.95 -4.84 -3.22
CA VAL A 170 9.27 -5.01 -2.61
C VAL A 170 9.50 -6.51 -2.39
N SER A 171 10.63 -7.01 -2.88
CA SER A 171 10.93 -8.42 -2.73
C SER A 171 11.58 -8.70 -1.37
N ALA A 172 11.83 -9.98 -1.12
CA ALA A 172 12.48 -10.42 0.12
C ALA A 172 13.83 -9.74 0.35
N ASN A 173 14.56 -9.43 -0.71
CA ASN A 173 15.86 -8.80 -0.54
C ASN A 173 15.81 -7.30 -0.83
N GLY A 174 14.63 -6.72 -0.86
CA GLY A 174 14.50 -5.29 -1.02
C GLY A 174 14.58 -4.79 -2.46
N THR A 175 14.55 -5.70 -3.43
CA THR A 175 14.45 -5.28 -4.83
C THR A 175 13.09 -4.65 -5.07
N VAL A 176 13.07 -3.45 -5.63
CA VAL A 176 11.85 -2.67 -5.80
C VAL A 176 11.37 -2.84 -7.24
N THR A 177 10.08 -3.10 -7.40
CA THR A 177 9.46 -3.07 -8.71
C THR A 177 8.42 -1.94 -8.66
N ILE A 178 8.50 -1.01 -9.60
CA ILE A 178 7.44 -0.02 -9.82
C ILE A 178 6.68 -0.46 -11.07
N THR A 179 5.43 -0.86 -10.90
CA THR A 179 4.61 -1.28 -12.02
C THR A 179 3.61 -0.18 -12.31
N TYR A 180 3.79 0.48 -13.46
CA TYR A 180 2.92 1.59 -13.83
C TYR A 180 1.54 1.09 -14.22
N PRO A 181 0.55 1.99 -14.28
CA PRO A 181 -0.81 1.53 -14.60
C PRO A 181 -0.90 0.71 -15.86
N ASP A 182 -0.02 0.93 -16.85
CA ASP A 182 -0.06 0.17 -18.09
C ASP A 182 0.75 -1.11 -17.99
N SER A 183 1.20 -1.47 -16.78
CA SER A 183 1.95 -2.68 -16.47
C SER A 183 3.38 -2.69 -17.02
N SER A 184 3.85 -1.59 -17.62
CA SER A 184 5.28 -1.40 -17.83
C SER A 184 5.92 -1.13 -16.47
N THR A 185 7.24 -1.34 -16.37
CA THR A 185 7.87 -1.36 -15.06
C THR A 185 9.17 -0.54 -15.02
N ASP A 186 9.56 -0.16 -13.82
CA ASP A 186 10.93 0.25 -13.54
C ASP A 186 11.39 -0.58 -12.33
N THR A 187 12.69 -0.80 -12.22
CA THR A 187 13.25 -1.62 -11.15
C THR A 187 14.31 -0.79 -10.43
N ILE A 188 14.37 -0.91 -9.10
CA ILE A 188 15.48 -0.36 -8.34
C ILE A 188 16.15 -1.53 -7.66
N THR A 189 17.44 -1.72 -7.94
CA THR A 189 18.17 -2.86 -7.41
C THR A 189 18.33 -2.72 -5.90
N ALA A 190 18.40 -3.86 -5.21
CA ALA A 190 18.35 -3.85 -3.75
C ALA A 190 19.47 -3.01 -3.15
N ASN A 191 20.65 -2.99 -3.78
CA ASN A 191 21.76 -2.25 -3.22
C ASN A 191 21.56 -0.76 -3.26
N ARG A 192 20.53 -0.27 -3.95
CA ARG A 192 20.20 1.15 -3.93
C ARG A 192 19.02 1.45 -3.02
N VAL A 193 18.55 0.45 -2.28
CA VAL A 193 17.30 0.55 -1.53
C VAL A 193 17.52 0.24 -0.05
N VAL A 194 18.26 -0.82 0.23
CA VAL A 194 18.40 -1.28 1.61
C VAL A 194 19.88 -1.43 1.95
N LYS A 195 20.15 -1.34 3.25
CA LYS A 195 21.48 -1.52 3.80
C LYS A 195 21.28 -2.19 5.15
N ASP A 196 22.24 -3.04 5.52
CA ASP A 196 22.21 -3.73 6.81
C ASP A 196 22.33 -2.72 7.95
N LEU A 197 21.47 -2.87 8.96
CA LEU A 197 21.43 -1.89 10.04
C LEU A 197 22.67 -1.99 10.92
N ALA A 198 23.10 -3.23 11.20
CA ALA A 198 24.21 -3.45 12.12
C ALA A 198 25.53 -2.98 11.53
N SER A 199 25.73 -3.27 10.23
CA SER A 199 26.95 -2.84 9.56
C SER A 199 27.08 -1.32 9.52
N SER A 200 25.96 -0.62 9.55
CA SER A 200 25.93 0.81 9.31
C SER A 200 25.77 1.65 10.57
N ARG A 201 25.40 1.04 11.69
CA ARG A 201 25.15 1.79 12.92
C ARG A 201 26.45 2.04 13.68
N THR B 4 -0.68 -13.53 67.14
CA THR B 4 0.51 -13.94 66.40
C THR B 4 0.13 -14.56 65.04
N ASP B 5 0.75 -14.02 63.99
CA ASP B 5 0.41 -14.40 62.62
C ASP B 5 1.22 -15.63 62.22
N THR B 6 0.54 -16.73 61.95
CA THR B 6 1.20 -17.95 61.48
C THR B 6 0.67 -18.40 60.15
N THR B 7 -0.07 -17.54 59.44
CA THR B 7 -0.77 -17.91 58.23
C THR B 7 -0.22 -17.14 57.03
N PRO B 8 0.18 -17.81 55.96
CA PRO B 8 0.76 -17.09 54.81
C PRO B 8 -0.29 -16.38 53.98
N PRO B 9 0.13 -15.45 53.12
CA PRO B 9 -0.80 -14.81 52.19
C PRO B 9 -1.42 -15.80 51.23
N THR B 10 -2.56 -15.41 50.68
CA THR B 10 -3.20 -16.12 49.60
C THR B 10 -3.14 -15.28 48.33
N ILE B 11 -3.07 -15.97 47.19
CA ILE B 11 -2.77 -15.34 45.91
C ILE B 11 -3.82 -15.78 44.90
N THR B 12 -4.41 -14.82 44.20
CA THR B 12 -5.29 -15.10 43.08
C THR B 12 -4.56 -14.77 41.79
N VAL B 13 -4.55 -15.70 40.86
CA VAL B 13 -3.89 -15.47 39.58
C VAL B 13 -4.95 -15.38 38.49
N PRO B 14 -4.69 -14.69 37.40
CA PRO B 14 -5.67 -14.67 36.29
C PRO B 14 -5.71 -16.03 35.63
N SER B 15 -6.91 -16.40 35.15
CA SER B 15 -7.08 -17.71 34.53
C SER B 15 -6.70 -17.75 33.06
N ASP B 16 -6.67 -16.60 32.38
CA ASP B 16 -6.51 -16.60 30.94
C ASP B 16 -5.51 -15.52 30.55
N ILE B 17 -4.25 -15.81 30.88
CA ILE B 17 -3.17 -14.94 30.45
C ILE B 17 -2.78 -15.37 29.05
N ILE B 18 -3.12 -14.57 28.05
CA ILE B 18 -2.87 -14.90 26.66
C ILE B 18 -2.11 -13.74 26.06
N ALA B 19 -0.91 -14.02 25.58
CA ALA B 19 -0.01 -13.02 25.08
C ALA B 19 0.25 -13.32 23.62
N TYR B 20 0.31 -12.29 22.80
CA TYR B 20 0.61 -12.46 21.38
C TYR B 20 2.05 -12.01 21.10
N ARG B 21 2.76 -12.78 20.28
CA ARG B 21 4.17 -12.49 20.03
C ARG B 21 4.37 -11.04 19.63
N GLY B 22 5.36 -10.40 20.24
CA GLY B 22 5.72 -9.05 19.82
C GLY B 22 4.84 -7.94 20.33
N GLU B 23 3.86 -8.23 21.16
CA GLU B 23 2.88 -7.26 21.60
C GLU B 23 2.84 -7.25 23.12
N GLU B 24 3.03 -6.08 23.73
CA GLU B 24 3.05 -5.98 25.18
C GLU B 24 1.76 -6.49 25.79
N PHE B 25 1.88 -7.32 26.84
CA PHE B 25 0.74 -7.82 27.60
C PHE B 25 0.85 -7.29 29.03
N GLU B 26 -0.27 -7.38 29.75
CA GLU B 26 -0.22 -7.05 31.16
C GLU B 26 -1.27 -7.88 31.87
N PHE B 27 -0.99 -8.20 33.13
CA PHE B 27 -1.98 -8.85 33.98
C PHE B 27 -1.62 -8.53 35.43
N TYR B 28 -2.54 -8.87 36.33
CA TYR B 28 -2.35 -8.59 37.74
C TYR B 28 -2.44 -9.85 38.58
N PHE B 29 -1.57 -9.94 39.59
CA PHE B 29 -1.78 -10.86 40.68
C PHE B 29 -2.51 -10.10 41.77
N GLU B 30 -3.33 -10.78 42.54
CA GLU B 30 -3.93 -10.16 43.71
C GLU B 30 -3.52 -10.95 44.94
N ILE B 31 -2.92 -10.27 45.92
CA ILE B 31 -2.44 -10.94 47.12
C ILE B 31 -3.11 -10.33 48.34
N THR B 32 -3.49 -11.21 49.25
CA THR B 32 -4.20 -10.86 50.48
C THR B 32 -3.47 -11.53 51.64
N ASP B 33 -3.40 -10.85 52.78
CA ASP B 33 -2.93 -11.56 53.96
C ASP B 33 -3.84 -11.22 55.13
N ASP B 34 -3.98 -12.17 56.07
CA ASP B 34 -4.85 -11.94 57.23
C ASP B 34 -4.36 -10.78 58.09
N SER B 35 -3.07 -10.45 58.01
CA SER B 35 -2.53 -9.30 58.70
C SER B 35 -2.87 -7.97 58.04
N GLY B 36 -3.32 -8.00 56.77
CA GLY B 36 -3.45 -6.81 55.98
C GLY B 36 -2.18 -6.34 55.29
N GLN B 37 -1.07 -7.08 55.43
CA GLN B 37 0.22 -6.63 54.92
C GLN B 37 0.94 -7.78 54.24
N VAL B 38 1.33 -7.56 52.99
CA VAL B 38 2.16 -8.49 52.26
C VAL B 38 3.52 -7.84 52.11
N LYS B 39 4.58 -8.61 52.38
CA LYS B 39 5.91 -8.01 52.37
C LYS B 39 6.52 -8.02 50.97
N ASN B 40 6.45 -9.15 50.30
CA ASN B 40 7.11 -9.28 48.99
C ASN B 40 6.54 -10.51 48.31
N ILE B 41 6.88 -10.67 47.03
CA ILE B 41 6.52 -11.86 46.27
C ILE B 41 7.76 -12.36 45.55
N GLU B 42 7.64 -13.56 44.99
CA GLU B 42 8.69 -14.10 44.15
C GLU B 42 8.04 -14.87 43.01
N LEU B 43 8.46 -14.60 41.77
CA LEU B 43 8.06 -15.39 40.59
C LEU B 43 9.18 -16.37 40.26
N SER B 44 8.83 -17.63 39.98
CA SER B 44 9.88 -18.63 39.77
C SER B 44 9.35 -19.68 38.81
N THR B 45 10.23 -20.64 38.47
CA THR B 45 9.78 -21.87 37.84
C THR B 45 9.79 -22.95 38.91
N PHE B 46 8.68 -23.04 39.65
CA PHE B 46 8.55 -24.00 40.76
C PHE B 46 9.76 -23.88 41.69
N GLY B 47 10.13 -22.63 42.01
CA GLY B 47 11.21 -22.32 42.90
C GLY B 47 12.55 -22.10 42.23
N LYS B 48 12.70 -22.58 41.01
CA LYS B 48 13.91 -22.36 40.24
C LYS B 48 13.80 -21.04 39.50
N PRO B 49 14.88 -20.56 38.87
CA PRO B 49 14.83 -19.25 38.21
C PRO B 49 13.69 -19.14 37.21
N LEU B 50 13.11 -17.94 37.15
CA LEU B 50 11.96 -17.69 36.30
C LEU B 50 12.29 -17.91 34.83
N GLY B 51 13.44 -17.43 34.37
CA GLY B 51 13.83 -17.69 33.01
C GLY B 51 12.97 -16.98 31.98
N LEU B 52 12.40 -15.84 32.34
CA LEU B 52 11.57 -15.04 31.42
C LEU B 52 12.05 -13.62 31.53
N ASN B 53 13.15 -13.30 30.84
CA ASN B 53 13.75 -11.99 31.07
C ASN B 53 12.89 -10.86 30.49
N TRP B 54 11.93 -11.18 29.64
CA TRP B 54 11.05 -10.17 29.04
C TRP B 54 9.83 -9.86 29.89
N LEU B 55 9.69 -10.50 31.05
CA LEU B 55 8.60 -10.27 31.99
C LEU B 55 9.07 -9.36 33.11
N GLU B 56 8.21 -8.45 33.55
CA GLU B 56 8.57 -7.52 34.61
C GLU B 56 7.34 -7.32 35.48
N TYR B 57 7.55 -7.04 36.76
CA TYR B 57 6.41 -6.71 37.61
C TYR B 57 6.78 -5.57 38.52
N SER B 58 5.76 -4.81 38.89
CA SER B 58 5.92 -3.63 39.74
C SER B 58 5.97 -4.02 41.21
N GLU B 59 6.86 -3.38 41.96
CA GLU B 59 6.88 -3.58 43.41
C GLU B 59 6.32 -2.38 44.16
N ASP B 60 5.52 -1.55 43.49
CA ASP B 60 4.84 -0.45 44.16
C ASP B 60 4.03 -0.97 45.34
N ASN B 61 4.14 -0.24 46.47
CA ASN B 61 3.34 -0.47 47.67
C ASN B 61 3.69 -1.78 48.38
N PHE B 62 4.80 -2.44 48.05
CA PHE B 62 5.19 -3.62 48.82
C PHE B 62 5.53 -3.26 50.25
N ASN B 63 5.17 -4.17 51.16
CA ASN B 63 5.63 -4.13 52.56
C ASN B 63 5.17 -2.86 53.28
N VAL B 64 3.89 -2.58 53.18
CA VAL B 64 3.30 -1.41 53.83
C VAL B 64 2.08 -1.93 54.58
N PRO B 65 1.85 -1.52 55.83
CA PRO B 65 0.63 -1.97 56.52
C PRO B 65 -0.60 -1.59 55.71
N GLY B 66 -1.58 -2.49 55.70
CA GLY B 66 -2.80 -2.23 54.98
C GLY B 66 -2.73 -2.40 53.48
N ASN B 67 -1.62 -2.89 52.94
CA ASN B 67 -1.55 -2.94 51.48
C ASN B 67 -2.22 -4.17 50.90
N ALA B 68 -2.77 -5.05 51.73
CA ALA B 68 -3.19 -6.36 51.22
C ALA B 68 -4.35 -6.90 52.06
N THR B 69 -5.43 -6.14 52.13
CA THR B 69 -6.57 -6.57 52.90
C THR B 69 -7.55 -7.31 52.02
N SER B 70 -8.50 -8.00 52.65
CA SER B 70 -9.56 -8.64 51.88
C SER B 70 -10.27 -7.63 50.98
N ASP B 71 -10.58 -6.44 51.50
CA ASP B 71 -11.27 -5.44 50.69
C ASP B 71 -10.38 -4.85 49.62
N ASN B 72 -9.11 -4.60 49.93
CA ASN B 72 -8.19 -3.96 49.00
C ASN B 72 -6.92 -4.78 48.94
N PRO B 73 -6.89 -5.81 48.09
CA PRO B 73 -5.70 -6.65 47.99
C PRO B 73 -4.54 -5.90 47.35
N LEU B 74 -3.35 -6.45 47.54
CA LEU B 74 -2.17 -5.96 46.83
C LEU B 74 -2.28 -6.39 45.38
N ARG B 75 -2.36 -5.43 44.47
CA ARG B 75 -2.56 -5.72 43.05
C ARG B 75 -1.24 -5.50 42.32
N VAL B 76 -0.58 -6.58 41.96
CA VAL B 76 0.78 -6.53 41.40
C VAL B 76 0.68 -6.52 39.88
N ARG B 77 1.09 -5.42 39.26
CA ARG B 77 1.04 -5.31 37.80
C ARG B 77 2.23 -6.02 37.19
N VAL B 78 1.96 -6.95 36.29
CA VAL B 78 2.98 -7.72 35.58
C VAL B 78 2.85 -7.35 34.11
N HIS B 79 3.97 -7.11 33.44
CA HIS B 79 3.85 -6.89 32.01
C HIS B 79 5.06 -7.45 31.29
N GLY B 80 4.97 -7.50 29.97
CA GLY B 80 6.10 -7.95 29.20
C GLY B 80 5.68 -8.16 27.77
N THR B 81 6.64 -8.63 26.97
CA THR B 81 6.41 -8.86 25.54
C THR B 81 7.05 -10.20 25.20
N VAL B 82 6.22 -11.16 24.78
CA VAL B 82 6.77 -12.42 24.31
C VAL B 82 7.55 -12.14 23.03
N PRO B 83 8.75 -12.70 22.88
CA PRO B 83 9.57 -12.37 21.71
C PRO B 83 8.83 -12.62 20.40
N LEU B 84 9.07 -11.73 19.47
CA LEU B 84 8.46 -11.81 18.16
C LEU B 84 8.72 -13.16 17.50
N ASN B 85 9.92 -13.71 17.69
CA ASN B 85 10.30 -14.99 17.09
C ASN B 85 10.17 -16.19 18.03
N GLU B 86 9.42 -16.07 19.12
CA GLU B 86 9.21 -17.20 20.00
C GLU B 86 8.59 -18.37 19.23
N PRO B 87 9.24 -19.52 19.18
CA PRO B 87 8.66 -20.64 18.44
C PRO B 87 7.31 -21.04 19.02
N ILE B 88 6.39 -21.41 18.14
CA ILE B 88 5.11 -21.93 18.58
C ILE B 88 5.08 -23.44 18.32
N PRO B 89 5.00 -24.27 19.36
CA PRO B 89 4.92 -25.72 19.14
C PRO B 89 3.68 -26.09 18.34
N ALA B 90 3.77 -27.23 17.66
CA ALA B 90 2.64 -27.71 16.86
C ALA B 90 1.41 -27.94 17.73
N ASP B 91 1.58 -28.49 18.94
CA ASP B 91 0.49 -28.61 19.90
C ASP B 91 0.39 -27.30 20.71
N LYS B 92 -0.71 -26.55 20.51
CA LYS B 92 -0.89 -25.28 21.21
C LYS B 92 -0.95 -25.43 22.72
N ASN B 93 -1.24 -26.62 23.24
CA ASN B 93 -1.24 -26.80 24.69
C ASN B 93 0.16 -26.72 25.29
N ARG B 94 1.19 -26.82 24.46
CA ARG B 94 2.56 -26.62 24.89
C ARG B 94 3.06 -25.21 24.56
N ALA B 95 2.26 -24.38 23.89
CA ALA B 95 2.67 -23.02 23.56
C ALA B 95 2.36 -22.12 24.77
N GLN B 96 3.07 -22.40 25.86
CA GLN B 96 2.78 -21.67 27.10
C GLN B 96 3.97 -21.79 28.01
N PHE B 97 4.00 -20.93 29.03
CA PHE B 97 5.00 -20.99 30.09
C PHE B 97 4.29 -21.21 31.41
N THR B 98 4.56 -22.31 32.05
CA THR B 98 3.97 -22.57 33.36
C THR B 98 4.98 -22.14 34.42
N ARG B 99 4.53 -21.32 35.36
CA ARG B 99 5.42 -20.74 36.36
C ARG B 99 4.68 -20.68 37.68
N THR B 100 5.37 -20.19 38.71
CA THR B 100 4.77 -20.14 40.04
C THR B 100 5.09 -18.83 40.74
N ILE B 101 4.20 -18.42 41.64
CA ILE B 101 4.39 -17.25 42.49
C ILE B 101 4.23 -17.68 43.94
N ARG B 102 5.09 -17.17 44.81
CA ARG B 102 4.83 -17.27 46.24
C ARG B 102 4.91 -15.88 46.85
N ALA B 103 4.33 -15.72 48.03
CA ALA B 103 4.31 -14.42 48.66
C ALA B 103 4.43 -14.63 50.17
N TRP B 104 4.87 -13.60 50.88
CA TRP B 104 5.01 -13.72 52.33
C TRP B 104 4.60 -12.43 53.02
N ASP B 105 4.23 -12.56 54.29
CA ASP B 105 3.80 -11.41 55.07
C ASP B 105 4.98 -10.88 55.88
N ALA B 106 4.70 -9.94 56.79
CA ALA B 106 5.78 -9.33 57.57
C ALA B 106 6.31 -10.23 58.66
N ALA B 107 5.56 -11.25 59.05
CA ALA B 107 6.05 -12.26 59.98
C ALA B 107 6.90 -13.31 59.29
N GLY B 108 6.98 -13.27 57.96
CA GLY B 108 7.71 -14.24 57.19
C GLY B 108 6.99 -15.53 56.91
N ASN B 109 5.68 -15.55 57.03
CA ASN B 109 4.93 -16.74 56.62
C ASN B 109 4.86 -16.74 55.11
N VAL B 110 5.36 -17.81 54.48
CA VAL B 110 5.50 -17.90 53.02
C VAL B 110 4.42 -18.84 52.50
N SER B 111 3.78 -18.44 51.40
CA SER B 111 2.77 -19.28 50.77
C SER B 111 3.43 -20.43 50.02
N SER B 112 2.62 -21.43 49.68
CA SER B 112 3.11 -22.43 48.76
C SER B 112 3.33 -21.79 47.39
N ASN B 113 3.94 -22.55 46.50
CA ASN B 113 4.07 -22.09 45.11
C ASN B 113 2.74 -22.21 44.39
N ILE B 114 2.23 -21.10 43.89
CA ILE B 114 0.94 -21.04 43.22
C ILE B 114 1.18 -20.97 41.72
N THR B 115 0.53 -21.83 40.95
CA THR B 115 0.82 -21.89 39.51
C THR B 115 0.11 -20.81 38.73
N PHE B 116 0.80 -20.23 37.74
CA PHE B 116 0.14 -19.41 36.72
C PHE B 116 0.75 -19.79 35.38
N VAL B 117 -0.02 -19.56 34.32
CA VAL B 117 0.39 -19.98 32.98
C VAL B 117 0.27 -18.80 32.04
N ILE B 118 1.35 -18.52 31.31
CA ILE B 118 1.33 -17.50 30.26
C ILE B 118 1.24 -18.22 28.93
N LYS B 119 0.07 -18.19 28.31
CA LYS B 119 -0.07 -18.77 26.98
C LYS B 119 0.41 -17.75 25.95
N TYR B 120 1.06 -18.22 24.89
CA TYR B 120 1.46 -17.28 23.85
C TYR B 120 1.07 -17.80 22.47
N ARG B 121 0.81 -16.86 21.58
CA ARG B 121 0.20 -17.20 20.32
C ARG B 121 0.74 -16.28 19.23
N ALA B 122 0.65 -16.77 18.00
CA ALA B 122 1.00 -15.96 16.83
C ALA B 122 0.07 -14.75 16.71
N GLN B 123 0.59 -13.66 16.11
CA GLN B 123 -0.23 -12.45 16.01
C GLN B 123 -1.50 -12.71 15.21
N THR B 124 -1.46 -13.62 14.23
CA THR B 124 -2.69 -13.85 13.49
C THR B 124 -3.78 -14.46 14.36
N ASP B 125 -3.43 -15.05 15.51
CA ASP B 125 -4.48 -15.55 16.38
C ASP B 125 -5.23 -14.42 17.07
N LYS B 126 -4.61 -13.24 17.17
CA LYS B 126 -5.33 -12.08 17.65
C LYS B 126 -6.13 -11.42 16.54
N TYR B 127 -5.47 -11.09 15.44
CA TYR B 127 -6.09 -10.23 14.45
C TYR B 127 -7.05 -11.01 13.56
N ASN B 128 -8.16 -10.36 13.23
CA ASN B 128 -9.20 -10.93 12.38
C ASN B 128 -9.65 -9.80 11.47
N PRO B 129 -9.18 -9.78 10.22
CA PRO B 129 -9.41 -8.60 9.38
C PRO B 129 -10.89 -8.40 9.08
N ALA B 130 -11.30 -7.14 9.13
CA ALA B 130 -12.64 -6.75 8.75
C ALA B 130 -12.75 -6.64 7.24
N ASP B 131 -13.98 -6.80 6.76
CA ASP B 131 -14.28 -6.71 5.33
C ASP B 131 -13.89 -5.34 4.78
N PRO B 132 -13.18 -5.27 3.67
CA PRO B 132 -12.98 -3.98 2.99
C PRO B 132 -14.20 -3.64 2.15
N THR B 133 -14.34 -2.35 1.84
CA THR B 133 -15.25 -2.00 0.76
C THR B 133 -14.80 -2.71 -0.50
N ILE B 134 -15.76 -3.19 -1.29
CA ILE B 134 -15.45 -3.97 -2.48
C ILE B 134 -14.80 -3.07 -3.53
N THR B 135 -13.82 -3.64 -4.26
CA THR B 135 -13.14 -2.96 -5.36
C THR B 135 -13.61 -3.61 -6.66
N TYR B 136 -14.14 -2.81 -7.58
CA TYR B 136 -14.60 -3.32 -8.85
C TYR B 136 -13.43 -3.35 -9.83
N VAL B 137 -13.22 -4.49 -10.47
CA VAL B 137 -12.05 -4.70 -11.30
C VAL B 137 -12.49 -5.10 -12.71
N ASP B 138 -11.62 -4.81 -13.68
CA ASP B 138 -11.95 -5.11 -15.07
C ASP B 138 -11.90 -6.61 -15.33
N ARG B 139 -10.90 -7.30 -14.80
CA ARG B 139 -10.76 -8.74 -14.98
C ARG B 139 -10.50 -9.36 -13.62
N LEU B 140 -11.38 -10.28 -13.19
CA LEU B 140 -11.25 -10.89 -11.89
C LEU B 140 -10.06 -11.84 -11.80
N SER B 141 -9.47 -12.23 -12.92
CA SER B 141 -8.34 -13.13 -12.94
C SER B 141 -7.01 -12.40 -13.09
N SER B 142 -7.03 -11.10 -13.38
CA SER B 142 -5.81 -10.36 -13.68
C SER B 142 -6.05 -8.90 -13.30
N LEU B 143 -5.89 -8.60 -12.01
CA LEU B 143 -6.03 -7.23 -11.53
C LEU B 143 -4.95 -6.37 -12.12
N SER B 144 -5.29 -5.10 -12.35
CA SER B 144 -4.33 -4.11 -12.79
C SER B 144 -3.57 -3.59 -11.58
N PRO B 145 -2.45 -2.90 -11.80
CA PRO B 145 -1.75 -2.26 -10.67
C PRO B 145 -2.61 -1.28 -9.92
N SER B 146 -3.42 -0.49 -10.64
CA SER B 146 -4.30 0.45 -9.96
C SER B 146 -5.32 -0.28 -9.09
N GLU B 147 -5.86 -1.39 -9.58
CA GLU B 147 -6.85 -2.13 -8.81
C GLU B 147 -6.22 -2.75 -7.58
N LYS B 148 -4.98 -3.24 -7.70
CA LYS B 148 -4.30 -3.76 -6.53
C LYS B 148 -4.07 -2.68 -5.48
N ASN B 149 -3.65 -1.49 -5.91
CA ASN B 149 -3.55 -0.36 -4.99
C ASN B 149 -4.87 -0.11 -4.28
N ALA B 150 -5.96 -0.07 -5.03
CA ALA B 150 -7.27 0.19 -4.43
C ALA B 150 -7.64 -0.88 -3.41
N VAL B 151 -7.41 -2.16 -3.76
CA VAL B 151 -7.70 -3.23 -2.80
C VAL B 151 -6.91 -3.04 -1.53
N GLU B 152 -5.61 -2.81 -1.65
CA GLU B 152 -4.82 -2.67 -0.43
C GLU B 152 -5.31 -1.48 0.40
N ALA B 153 -5.59 -0.35 -0.25
CA ALA B 153 -6.09 0.81 0.47
C ALA B 153 -7.38 0.50 1.20
N ALA B 154 -8.27 -0.30 0.58
CA ALA B 154 -9.56 -0.58 1.18
C ALA B 154 -9.41 -1.52 2.38
N VAL B 155 -8.53 -2.52 2.27
CA VAL B 155 -8.26 -3.40 3.40
C VAL B 155 -7.66 -2.60 4.55
N ARG B 156 -6.69 -1.73 4.24
CA ARG B 156 -6.09 -0.91 5.29
C ARG B 156 -7.12 0.01 5.94
N ALA B 157 -7.96 0.69 5.15
CA ALA B 157 -8.91 1.64 5.74
C ALA B 157 -9.92 0.94 6.65
N ALA B 158 -10.31 -0.30 6.32
CA ALA B 158 -11.21 -1.08 7.14
C ALA B 158 -10.55 -1.66 8.40
N ASN B 159 -9.23 -1.67 8.46
CA ASN B 159 -8.53 -2.35 9.56
C ASN B 159 -7.49 -1.46 10.21
N PRO B 160 -7.92 -0.35 10.81
CA PRO B 160 -6.96 0.46 11.57
C PRO B 160 -6.40 -0.26 12.77
N GLN B 161 -7.01 -1.38 13.18
CA GLN B 161 -6.59 -2.06 14.39
C GLN B 161 -5.43 -3.02 14.11
N ILE B 162 -5.25 -3.39 12.85
CA ILE B 162 -4.13 -4.24 12.47
C ILE B 162 -2.85 -3.41 12.51
N PRO B 163 -1.71 -3.99 12.91
CA PRO B 163 -0.51 -3.16 13.09
C PRO B 163 -0.22 -2.42 11.80
N ALA B 164 0.17 -1.14 11.91
CA ALA B 164 0.61 -0.42 10.73
C ALA B 164 1.76 -1.14 10.05
N ALA B 165 2.57 -1.85 10.84
CA ALA B 165 3.72 -2.61 10.38
C ALA B 165 3.35 -3.89 9.63
N ALA B 166 2.10 -4.36 9.70
CA ALA B 166 1.74 -5.50 8.88
C ALA B 166 1.78 -5.07 7.43
N ARG B 167 2.09 -6.01 6.55
CA ARG B 167 2.13 -5.73 5.12
C ARG B 167 0.98 -6.44 4.43
N ILE B 168 0.23 -5.69 3.63
CA ILE B 168 -0.90 -6.21 2.89
C ILE B 168 -0.48 -6.36 1.44
N THR B 169 -0.54 -7.59 0.91
CA THR B 169 -0.26 -7.84 -0.50
C THR B 169 -1.52 -8.34 -1.19
N VAL B 170 -1.53 -8.20 -2.51
CA VAL B 170 -2.70 -8.51 -3.32
C VAL B 170 -2.23 -9.31 -4.53
N SER B 171 -2.82 -10.48 -4.72
CA SER B 171 -2.40 -11.31 -5.84
C SER B 171 -3.15 -10.90 -7.11
N ALA B 172 -2.80 -11.58 -8.20
CA ALA B 172 -3.43 -11.32 -9.50
C ALA B 172 -4.93 -11.48 -9.46
N ASN B 173 -5.47 -12.38 -8.63
CA ASN B 173 -6.91 -12.56 -8.60
C ASN B 173 -7.58 -11.85 -7.44
N GLY B 174 -6.87 -10.95 -6.76
CA GLY B 174 -7.49 -10.18 -5.71
C GLY B 174 -7.47 -10.83 -4.35
N THR B 175 -6.83 -11.99 -4.22
CA THR B 175 -6.65 -12.58 -2.91
C THR B 175 -5.71 -11.71 -2.10
N VAL B 176 -6.09 -11.40 -0.87
CA VAL B 176 -5.29 -10.53 -0.01
C VAL B 176 -4.56 -11.38 1.01
N THR B 177 -3.26 -11.14 1.14
CA THR B 177 -2.47 -11.69 2.24
C THR B 177 -2.07 -10.55 3.17
N ILE B 178 -2.30 -10.74 4.47
CA ILE B 178 -1.81 -9.82 5.48
C ILE B 178 -0.71 -10.56 6.21
N THR B 179 0.49 -10.00 6.21
CA THR B 179 1.63 -10.61 6.90
C THR B 179 1.93 -9.74 8.11
N TYR B 180 1.68 -10.29 9.30
CA TYR B 180 1.90 -9.55 10.53
C TYR B 180 3.39 -9.46 10.83
N PRO B 181 3.78 -8.56 11.75
CA PRO B 181 5.19 -8.42 12.08
C PRO B 181 5.89 -9.71 12.48
N ASP B 182 5.18 -10.65 13.11
CA ASP B 182 5.79 -11.90 13.52
C ASP B 182 5.79 -12.95 12.41
N SER B 183 5.39 -12.58 11.19
CA SER B 183 5.39 -13.38 9.97
C SER B 183 4.23 -14.35 9.88
N SER B 184 3.36 -14.41 10.88
CA SER B 184 2.08 -15.10 10.71
C SER B 184 1.19 -14.30 9.75
N THR B 185 0.13 -14.92 9.27
CA THR B 185 -0.62 -14.32 8.19
C THR B 185 -2.10 -14.54 8.38
N ASP B 186 -2.84 -13.67 7.72
CA ASP B 186 -4.24 -13.87 7.41
C ASP B 186 -4.44 -13.78 5.90
N THR B 187 -5.52 -14.39 5.44
CA THR B 187 -5.91 -14.36 4.03
C THR B 187 -7.33 -13.83 3.95
N ILE B 188 -7.58 -12.95 2.98
CA ILE B 188 -8.94 -12.54 2.65
C ILE B 188 -9.25 -13.06 1.25
N THR B 189 -10.25 -13.94 1.17
CA THR B 189 -10.57 -14.55 -0.10
C THR B 189 -11.06 -13.50 -1.08
N ALA B 190 -10.77 -13.72 -2.36
CA ALA B 190 -10.99 -12.68 -3.38
C ALA B 190 -12.45 -12.27 -3.44
N ASN B 191 -13.35 -13.16 -3.04
CA ASN B 191 -14.76 -12.85 -3.15
C ASN B 191 -15.24 -11.91 -2.07
N ARG B 192 -14.45 -11.70 -1.01
CA ARG B 192 -14.70 -10.63 -0.06
C ARG B 192 -14.05 -9.31 -0.48
N VAL B 193 -13.34 -9.27 -1.60
CA VAL B 193 -12.43 -8.19 -1.92
C VAL B 193 -12.80 -7.51 -3.23
N VAL B 194 -13.01 -8.28 -4.28
CA VAL B 194 -13.22 -7.73 -5.62
C VAL B 194 -14.52 -8.24 -6.22
N LYS B 195 -15.06 -7.45 -7.14
CA LYS B 195 -16.16 -7.84 -8.01
C LYS B 195 -15.90 -7.31 -9.41
N ASP B 196 -16.54 -7.93 -10.40
CA ASP B 196 -16.35 -7.60 -11.83
C ASP B 196 -16.71 -6.15 -12.17
#